data_9URH
#
_entry.id   9URH
#
_cell.length_a   45.116
_cell.length_b   70.770
_cell.length_c   134.009
_cell.angle_alpha   90.000
_cell.angle_beta   90.000
_cell.angle_gamma   90.000
#
_symmetry.space_group_name_H-M   'I 2 2 2'
#
loop_
_entity.id
_entity.type
_entity.pdbx_description
1 polymer 'CUGBP Elav-like family member 2'
2 polymer "DNA (5'-D(P*TP*GP*GP*TP*C)-3')"
3 non-polymer 'MAGNESIUM ION'
4 water water
#
loop_
_entity_poly.entity_id
_entity_poly.type
_entity_poly.pdbx_seq_one_letter_code
_entity_poly.pdbx_strand_id
1 'polypeptide(L)'
;GSHMDPDAIKMFVGQIPRSWSEKELKELFEPYGAVYQINVLRDRSQNPPQSKGCCFVTFYTRKAALEAQNALHNIKTLPG
MHHPIQMKPADSEKSNAVEDRKLFIGMVSKKCNENDIRVMFSPFGQIEECRILRGPDGLSRGCAFVTFSTRAMAQNAIKA
MHQSQTMEGCSSPIVVKFAD
;
A
2 'polydeoxyribonucleotide' (DC)(DT)(DG)(DG)(DT)(DC) B
#
loop_
_chem_comp.id
_chem_comp.type
_chem_comp.name
_chem_comp.formula
DC DNA linking 2'-DEOXYCYTIDINE-5'-MONOPHOSPHATE 'C9 H14 N3 O7 P'
DG DNA linking 2'-DEOXYGUANOSINE-5'-MONOPHOSPHATE 'C10 H14 N5 O7 P'
DT DNA linking THYMIDINE-5'-MONOPHOSPHATE 'C10 H15 N2 O8 P'
MG non-polymer 'MAGNESIUM ION' 'Mg 2'
#
# COMPACT_ATOMS: atom_id res chain seq x y z
N MET A 4 19.23 9.14 11.05
CA MET A 4 18.90 8.39 9.84
C MET A 4 18.56 9.32 8.70
N ASP A 5 18.73 8.84 7.47
CA ASP A 5 18.44 9.64 6.29
C ASP A 5 16.94 9.94 6.22
N PRO A 6 16.56 11.04 5.57
CA PRO A 6 15.11 11.33 5.40
C PRO A 6 14.39 10.37 4.47
N ASP A 7 15.12 9.57 3.70
CA ASP A 7 14.51 8.57 2.83
C ASP A 7 14.79 7.15 3.29
N ALA A 8 15.35 6.97 4.50
CA ALA A 8 15.54 5.63 5.05
C ALA A 8 14.21 4.88 5.06
N ILE A 9 14.30 3.55 5.03
CA ILE A 9 13.13 2.67 5.03
C ILE A 9 13.22 1.74 6.23
N LYS A 10 12.21 1.77 7.11
CA LYS A 10 12.11 0.71 8.11
C LYS A 10 11.66 -0.58 7.43
N MET A 11 12.40 -1.66 7.65
CA MET A 11 12.11 -2.94 7.00
C MET A 11 11.53 -3.90 8.02
N PHE A 12 10.54 -4.66 7.59
CA PHE A 12 10.02 -5.79 8.36
C PHE A 12 10.76 -7.05 7.94
N VAL A 13 11.21 -7.84 8.91
CA VAL A 13 11.95 -9.07 8.64
C VAL A 13 11.26 -10.21 9.36
N GLY A 14 10.85 -11.25 8.61
CA GLY A 14 10.21 -12.43 9.17
C GLY A 14 11.09 -13.67 9.05
N GLN A 15 10.65 -14.75 9.71
CA GLN A 15 11.37 -16.02 9.79
C GLN A 15 12.67 -15.88 10.58
N ILE A 16 12.62 -15.08 11.63
CA ILE A 16 13.70 -14.95 12.60
C ILE A 16 13.46 -15.98 13.69
N PRO A 17 14.46 -16.74 14.13
CA PRO A 17 14.25 -17.63 15.28
C PRO A 17 13.67 -16.88 16.49
N ARG A 18 12.64 -17.45 17.11
CA ARG A 18 12.08 -16.85 18.33
C ARG A 18 13.10 -16.67 19.43
N SER A 19 14.15 -17.50 19.45
CA SER A 19 15.15 -17.40 20.50
C SER A 19 16.06 -16.19 20.31
N TRP A 20 16.11 -15.62 19.11
CA TRP A 20 16.97 -14.48 18.85
C TRP A 20 16.43 -13.22 19.50
N SER A 21 17.34 -12.35 19.88
CA SER A 21 17.01 -10.99 20.29
C SER A 21 17.74 -10.01 19.38
N GLU A 22 17.66 -8.73 19.74
CA GLU A 22 18.32 -7.69 19.00
C GLU A 22 19.83 -7.93 18.90
N LYS A 23 20.42 -8.69 19.83
CA LYS A 23 21.86 -8.93 19.79
C LYS A 23 22.27 -9.71 18.55
N GLU A 24 21.60 -10.85 18.32
CA GLU A 24 21.90 -11.63 17.12
C GLU A 24 21.53 -10.88 15.85
N LEU A 25 20.48 -10.08 15.90
CA LEU A 25 20.03 -9.39 14.71
C LEU A 25 20.99 -8.28 14.33
N LYS A 26 21.61 -7.66 15.33
CA LYS A 26 22.63 -6.67 15.06
C LYS A 26 23.80 -7.29 14.28
N GLU A 27 24.22 -8.49 14.68
CA GLU A 27 25.30 -9.15 13.95
C GLU A 27 24.87 -9.56 12.55
N LEU A 28 23.58 -9.89 12.36
CA LEU A 28 23.11 -10.25 11.03
C LEU A 28 23.11 -9.05 10.08
N PHE A 29 22.61 -7.91 10.55
CA PHE A 29 22.31 -6.78 9.68
C PHE A 29 23.47 -5.81 9.49
N GLU A 30 24.28 -5.58 10.52
CA GLU A 30 25.32 -4.56 10.39
C GLU A 30 26.32 -4.79 9.26
N PRO A 31 26.63 -6.02 8.83
CA PRO A 31 27.48 -6.17 7.63
C PRO A 31 26.90 -5.57 6.36
N TYR A 32 25.60 -5.29 6.32
CA TYR A 32 25.03 -4.64 5.14
C TYR A 32 25.02 -3.12 5.23
N GLY A 33 25.31 -2.55 6.39
CA GLY A 33 25.30 -1.11 6.55
C GLY A 33 25.02 -0.72 7.98
N ALA A 34 25.27 0.55 8.28
CA ALA A 34 25.05 1.03 9.63
C ALA A 34 23.57 0.91 9.98
N VAL A 35 23.29 0.43 11.19
CA VAL A 35 21.93 0.17 11.66
C VAL A 35 21.53 1.23 12.68
N TYR A 36 20.41 1.89 12.43
CA TYR A 36 19.89 2.88 13.36
C TYR A 36 19.11 2.24 14.50
N GLN A 37 18.19 1.31 14.19
CA GLN A 37 17.32 0.75 15.23
C GLN A 37 16.89 -0.66 14.83
N ILE A 38 16.84 -1.54 15.81
CA ILE A 38 16.30 -2.88 15.61
C ILE A 38 15.31 -3.12 16.74
N ASN A 39 14.13 -3.63 16.39
CA ASN A 39 13.13 -3.91 17.41
C ASN A 39 12.42 -5.22 17.06
N VAL A 40 12.54 -6.21 17.93
CA VAL A 40 11.80 -7.46 17.79
C VAL A 40 10.32 -7.20 18.12
N LEU A 41 9.43 -7.78 17.32
CA LEU A 41 8.00 -7.72 17.64
C LEU A 41 7.70 -8.77 18.69
N ARG A 42 7.08 -8.35 19.79
CA ARG A 42 6.88 -9.25 20.93
C ARG A 42 5.40 -9.48 21.21
N ASP A 43 5.15 -10.63 21.85
CA ASP A 43 3.83 -11.11 22.23
C ASP A 43 3.79 -11.09 23.76
N ARG A 44 2.93 -10.25 24.32
CA ARG A 44 2.84 -10.09 25.77
C ARG A 44 1.55 -10.68 26.31
N SER A 45 0.98 -11.66 25.59
CA SER A 45 -0.34 -12.18 25.96
C SER A 45 -0.29 -12.98 27.24
N GLN A 46 0.87 -13.53 27.58
CA GLN A 46 0.99 -14.23 28.85
C GLN A 46 2.43 -14.13 29.32
N ASN A 47 2.69 -14.66 30.48
CA ASN A 47 4.05 -14.66 31.01
C ASN A 47 4.73 -15.97 30.67
N PRO A 48 5.99 -15.96 30.19
CA PRO A 48 6.80 -14.79 29.86
C PRO A 48 6.44 -14.23 28.49
N PRO A 49 6.77 -12.97 28.20
CA PRO A 49 6.60 -12.47 26.84
C PRO A 49 7.57 -13.19 25.92
N GLN A 50 7.26 -13.17 24.63
CA GLN A 50 8.12 -13.87 23.69
C GLN A 50 8.19 -13.10 22.38
N SER A 51 9.25 -13.39 21.63
CA SER A 51 9.35 -12.94 20.25
C SER A 51 8.28 -13.57 19.38
N LYS A 52 7.73 -12.78 18.46
CA LYS A 52 6.83 -13.29 17.44
C LYS A 52 7.60 -13.80 16.23
N GLY A 53 8.94 -13.79 16.29
CA GLY A 53 9.70 -14.35 15.19
C GLY A 53 9.89 -13.40 14.04
N CYS A 54 9.80 -12.11 14.31
CA CYS A 54 10.00 -11.09 13.30
C CYS A 54 10.51 -9.84 13.98
N CYS A 55 11.05 -8.94 13.18
CA CYS A 55 11.62 -7.73 13.74
C CYS A 55 11.47 -6.62 12.72
N PHE A 56 11.71 -5.39 13.18
CA PHE A 56 11.96 -4.26 12.30
C PHE A 56 13.43 -3.93 12.35
N VAL A 57 14.01 -3.57 11.21
CA VAL A 57 15.35 -3.00 11.17
C VAL A 57 15.29 -1.72 10.36
N THR A 58 15.90 -0.65 10.87
CA THR A 58 16.01 0.61 10.14
C THR A 58 17.49 0.88 9.93
N PHE A 59 17.95 0.74 8.69
CA PHE A 59 19.29 1.18 8.35
C PHE A 59 19.31 2.70 8.24
N TYR A 60 20.49 3.28 8.48
CA TYR A 60 20.64 4.72 8.31
C TYR A 60 20.34 5.16 6.88
N THR A 61 20.74 4.38 5.89
CA THR A 61 20.55 4.78 4.51
C THR A 61 19.51 3.92 3.81
N ARG A 62 18.83 4.52 2.83
CA ARG A 62 17.93 3.76 1.98
C ARG A 62 18.70 2.72 1.16
N LYS A 63 19.90 3.06 0.71
CA LYS A 63 20.68 2.12 -0.09
C LYS A 63 20.99 0.84 0.70
N ALA A 64 21.37 0.99 1.96
CA ALA A 64 21.68 -0.18 2.79
C ALA A 64 20.45 -1.04 3.02
N ALA A 65 19.29 -0.42 3.29
CA ALA A 65 18.06 -1.18 3.44
C ALA A 65 17.76 -2.00 2.18
N LEU A 66 17.93 -1.38 1.01
CA LEU A 66 17.57 -2.09 -0.22
C LEU A 66 18.56 -3.20 -0.56
N GLU A 67 19.85 -2.96 -0.31
CA GLU A 67 20.84 -4.01 -0.55
C GLU A 67 20.63 -5.19 0.38
N ALA A 68 20.33 -4.92 1.66
CA ALA A 68 20.05 -5.99 2.61
C ALA A 68 18.83 -6.79 2.18
N GLN A 69 17.74 -6.09 1.81
CA GLN A 69 16.55 -6.79 1.34
C GLN A 69 16.88 -7.66 0.13
N ASN A 70 17.64 -7.11 -0.81
CA ASN A 70 17.98 -7.85 -2.02
C ASN A 70 18.78 -9.10 -1.68
N ALA A 71 19.69 -9.00 -0.70
CA ALA A 71 20.61 -10.08 -0.36
C ALA A 71 19.99 -11.14 0.54
N LEU A 72 18.97 -10.80 1.31
CA LEU A 72 18.43 -11.67 2.35
C LEU A 72 17.09 -12.30 1.98
N HIS A 73 16.21 -11.53 1.37
CA HIS A 73 14.82 -11.96 1.15
C HIS A 73 14.75 -13.20 0.26
N ASN A 74 14.21 -14.29 0.80
CA ASN A 74 14.08 -15.58 0.12
C ASN A 74 15.42 -16.19 -0.24
N ILE A 75 16.50 -15.71 0.37
CA ILE A 75 17.84 -16.17 0.08
C ILE A 75 18.45 -16.88 1.28
N LYS A 76 18.45 -16.23 2.44
CA LYS A 76 19.18 -16.70 3.60
C LYS A 76 18.23 -17.36 4.58
N THR A 77 18.59 -18.55 5.05
CA THR A 77 17.82 -19.27 6.07
C THR A 77 18.62 -19.22 7.36
N LEU A 78 17.97 -18.74 8.42
CA LEU A 78 18.65 -18.60 9.70
C LEU A 78 18.65 -19.94 10.44
N PRO A 79 19.54 -20.12 11.41
CA PRO A 79 19.70 -21.45 12.02
C PRO A 79 18.41 -21.96 12.65
N GLY A 80 18.08 -23.22 12.37
CA GLY A 80 16.87 -23.82 12.87
C GLY A 80 15.62 -23.54 12.06
N MET A 81 15.67 -22.59 11.14
CA MET A 81 14.47 -22.26 10.39
C MET A 81 14.31 -23.21 9.21
N HIS A 82 13.06 -23.40 8.79
CA HIS A 82 12.76 -24.23 7.62
C HIS A 82 12.47 -23.40 6.39
N HIS A 83 12.42 -22.07 6.51
CA HIS A 83 12.17 -21.20 5.38
C HIS A 83 13.12 -20.02 5.47
N PRO A 84 13.44 -19.41 4.34
CA PRO A 84 14.37 -18.29 4.34
C PRO A 84 13.72 -17.01 4.85
N ILE A 85 14.60 -16.05 5.18
CA ILE A 85 14.18 -14.73 5.60
C ILE A 85 13.21 -14.13 4.61
N GLN A 86 12.17 -13.48 5.14
CA GLN A 86 11.29 -12.62 4.38
C GLN A 86 11.53 -11.19 4.80
N MET A 87 11.72 -10.30 3.85
CA MET A 87 12.09 -8.93 4.19
C MET A 87 11.42 -7.97 3.21
N LYS A 88 10.73 -6.96 3.74
CA LYS A 88 10.00 -6.00 2.93
C LYS A 88 9.76 -4.75 3.76
N PRO A 89 9.52 -3.60 3.11
CA PRO A 89 9.23 -2.37 3.86
C PRO A 89 8.04 -2.54 4.81
N ALA A 90 8.18 -2.00 6.01
CA ALA A 90 7.18 -2.18 7.06
C ALA A 90 5.89 -1.48 6.69
N ASP A 91 4.77 -2.04 7.16
CA ASP A 91 3.48 -1.44 6.86
C ASP A 91 3.38 -0.01 7.36
N SER A 92 4.06 0.31 8.46
CA SER A 92 3.98 1.67 8.98
C SER A 92 4.54 2.70 7.98
N GLU A 93 5.25 2.23 6.95
CA GLU A 93 5.84 3.09 5.94
C GLU A 93 4.90 3.41 4.79
N LYS A 94 3.75 2.76 4.70
CA LYS A 94 2.78 3.06 3.66
C LYS A 94 2.17 4.43 3.85
N SER A 95 1.98 5.16 2.75
CA SER A 95 1.54 6.54 2.91
C SER A 95 0.43 6.90 1.94
N ASN A 96 0.49 6.34 0.74
CA ASN A 96 -0.38 6.72 -0.37
C ASN A 96 -1.16 5.50 -0.83
N ALA A 97 -1.99 4.95 0.05
CA ALA A 97 -2.67 3.70 -0.25
C ALA A 97 -3.69 3.89 -1.36
N VAL A 98 -3.83 2.88 -2.23
CA VAL A 98 -4.77 2.94 -3.34
C VAL A 98 -6.17 3.28 -2.84
N GLU A 99 -6.60 2.64 -1.75
CA GLU A 99 -7.97 2.82 -1.27
C GLU A 99 -8.28 4.25 -0.89
N ASP A 100 -7.26 5.06 -0.56
CA ASP A 100 -7.47 6.44 -0.18
C ASP A 100 -7.37 7.39 -1.36
N ARG A 101 -7.25 6.86 -2.59
CA ARG A 101 -7.23 7.72 -3.76
C ARG A 101 -8.09 7.13 -4.87
N LYS A 102 -9.06 6.31 -4.50
CA LYS A 102 -9.98 5.69 -5.44
C LYS A 102 -11.35 6.32 -5.23
N LEU A 103 -11.99 6.72 -6.31
CA LEU A 103 -13.28 7.38 -6.26
C LEU A 103 -14.38 6.43 -6.73
N PHE A 104 -15.52 6.50 -6.05
CA PHE A 104 -16.76 5.97 -6.58
C PHE A 104 -17.39 7.06 -7.41
N ILE A 105 -17.71 6.75 -8.66
CA ILE A 105 -18.44 7.65 -9.53
C ILE A 105 -19.83 7.07 -9.70
N GLY A 106 -20.85 7.74 -9.17
CA GLY A 106 -22.23 7.28 -9.29
C GLY A 106 -23.00 8.15 -10.26
N MET A 107 -24.17 7.68 -10.64
CA MET A 107 -25.02 8.41 -11.56
C MET A 107 -24.29 8.70 -12.87
N VAL A 108 -23.64 7.66 -13.41
CA VAL A 108 -23.02 7.68 -14.72
C VAL A 108 -24.01 7.07 -15.70
N SER A 109 -24.11 7.64 -16.89
CA SER A 109 -24.99 7.08 -17.91
C SER A 109 -24.66 5.60 -18.12
N LYS A 110 -25.69 4.76 -18.11
CA LYS A 110 -25.52 3.35 -18.45
C LYS A 110 -24.87 3.16 -19.82
N LYS A 111 -24.79 4.22 -20.62
CA LYS A 111 -24.11 4.16 -21.91
C LYS A 111 -22.61 4.37 -21.81
N CYS A 112 -22.11 4.93 -20.71
CA CYS A 112 -20.70 5.29 -20.65
C CYS A 112 -19.82 4.05 -20.61
N ASN A 113 -18.64 4.19 -21.20
CA ASN A 113 -17.57 3.20 -21.11
C ASN A 113 -16.37 3.83 -20.41
N GLU A 114 -15.40 2.96 -20.08
CA GLU A 114 -14.20 3.40 -19.36
C GLU A 114 -13.53 4.60 -20.02
N ASN A 115 -13.68 4.75 -21.33
CA ASN A 115 -12.98 5.83 -22.01
C ASN A 115 -13.66 7.18 -21.77
N ASP A 116 -14.98 7.21 -21.76
CA ASP A 116 -15.68 8.46 -21.45
C ASP A 116 -15.29 8.94 -20.06
N ILE A 117 -15.18 8.02 -19.11
CA ILE A 117 -14.86 8.39 -17.74
C ILE A 117 -13.46 8.98 -17.68
N ARG A 118 -12.50 8.33 -18.33
CA ARG A 118 -11.14 8.85 -18.37
C ARG A 118 -11.11 10.26 -18.95
N VAL A 119 -11.83 10.49 -20.05
CA VAL A 119 -11.88 11.84 -20.62
C VAL A 119 -12.39 12.84 -19.61
N MET A 120 -13.40 12.46 -18.81
CA MET A 120 -13.98 13.39 -17.83
C MET A 120 -13.05 13.64 -16.65
N PHE A 121 -12.26 12.65 -16.24
CA PHE A 121 -11.49 12.76 -15.01
C PHE A 121 -9.99 12.92 -15.24
N SER A 122 -9.51 12.67 -16.46
CA SER A 122 -8.13 12.98 -16.84
C SER A 122 -7.64 14.37 -16.47
N PRO A 123 -8.42 15.46 -16.59
CA PRO A 123 -7.88 16.78 -16.24
C PRO A 123 -7.36 16.89 -14.82
N PHE A 124 -7.67 15.93 -13.94
CA PHE A 124 -7.37 16.07 -12.52
C PHE A 124 -6.15 15.28 -12.08
N GLY A 125 -5.54 14.50 -12.96
CA GLY A 125 -4.31 13.83 -12.64
C GLY A 125 -4.19 12.52 -13.38
N GLN A 126 -3.11 11.81 -13.09
CA GLN A 126 -2.87 10.51 -13.71
C GLN A 126 -3.86 9.49 -13.16
N ILE A 127 -4.64 8.90 -14.06
CA ILE A 127 -5.52 7.79 -13.72
C ILE A 127 -4.75 6.49 -13.93
N GLU A 128 -4.68 5.67 -12.89
CA GLU A 128 -4.01 4.39 -13.04
C GLU A 128 -4.97 3.20 -13.16
N GLU A 129 -6.25 3.40 -12.89
CA GLU A 129 -7.23 2.34 -13.13
C GLU A 129 -8.61 2.98 -13.26
N CYS A 130 -9.43 2.43 -14.17
CA CYS A 130 -10.78 2.94 -14.38
C CYS A 130 -11.65 1.77 -14.80
N ARG A 131 -12.72 1.52 -14.05
CA ARG A 131 -13.62 0.42 -14.39
C ARG A 131 -15.06 0.86 -14.26
N ILE A 132 -15.85 0.67 -15.31
CA ILE A 132 -17.30 0.66 -15.19
C ILE A 132 -17.74 -0.60 -14.46
N LEU A 133 -18.59 -0.44 -13.46
CA LEU A 133 -19.04 -1.59 -12.68
C LEU A 133 -20.19 -2.26 -13.41
N ARG A 134 -20.13 -3.61 -13.52
CA ARG A 134 -21.14 -4.40 -14.22
C ARG A 134 -21.60 -5.55 -13.34
N GLY A 135 -22.90 -5.83 -13.40
CA GLY A 135 -23.48 -6.91 -12.63
C GLY A 135 -23.30 -8.24 -13.33
N PRO A 136 -23.90 -9.29 -12.76
CA PRO A 136 -23.70 -10.65 -13.32
C PRO A 136 -24.36 -10.83 -14.67
N ASP A 137 -25.40 -10.05 -14.97
CA ASP A 137 -26.00 -10.05 -16.30
C ASP A 137 -25.13 -9.33 -17.34
N GLY A 138 -24.07 -8.66 -16.91
CA GLY A 138 -23.22 -7.89 -17.80
C GLY A 138 -23.68 -6.47 -18.04
N LEU A 139 -24.83 -6.08 -17.52
CA LEU A 139 -25.33 -4.73 -17.72
C LEU A 139 -24.55 -3.75 -16.84
N SER A 140 -24.30 -2.56 -17.37
CA SER A 140 -23.65 -1.52 -16.57
C SER A 140 -24.52 -1.18 -15.36
N ARG A 141 -23.88 -1.04 -14.20
CA ARG A 141 -24.59 -0.63 -12.99
C ARG A 141 -24.64 0.88 -12.81
N GLY A 142 -24.25 1.65 -13.83
CA GLY A 142 -24.37 3.08 -13.77
C GLY A 142 -23.37 3.74 -12.86
N CYS A 143 -22.22 3.11 -12.63
CA CYS A 143 -21.20 3.66 -11.75
C CYS A 143 -19.84 3.11 -12.16
N ALA A 144 -18.80 3.76 -11.65
CA ALA A 144 -17.44 3.43 -12.05
C ALA A 144 -16.52 3.65 -10.87
N PHE A 145 -15.34 3.05 -10.94
CA PHE A 145 -14.26 3.33 -10.00
C PHE A 145 -13.14 4.01 -10.76
N VAL A 146 -12.61 5.08 -10.18
CA VAL A 146 -11.48 5.81 -10.76
C VAL A 146 -10.40 5.90 -9.69
N THR A 147 -9.22 5.37 -9.98
CA THR A 147 -8.08 5.44 -9.08
C THR A 147 -7.08 6.44 -9.64
N PHE A 148 -6.75 7.45 -8.85
CA PHE A 148 -5.69 8.38 -9.22
C PHE A 148 -4.36 7.93 -8.62
N SER A 149 -3.28 8.55 -9.06
CA SER A 149 -1.98 8.20 -8.51
C SER A 149 -1.72 8.84 -7.15
N THR A 150 -2.39 9.95 -6.82
CA THR A 150 -2.26 10.55 -5.49
C THR A 150 -3.63 10.94 -4.96
N ARG A 151 -3.71 11.05 -3.62
CA ARG A 151 -4.96 11.44 -2.98
C ARG A 151 -5.34 12.87 -3.32
N ALA A 152 -4.35 13.75 -3.46
CA ALA A 152 -4.65 15.14 -3.82
C ALA A 152 -5.38 15.23 -5.15
N MET A 153 -4.98 14.42 -6.13
CA MET A 153 -5.67 14.40 -7.41
C MET A 153 -7.14 14.01 -7.22
N ALA A 154 -7.38 12.96 -6.44
CA ALA A 154 -8.74 12.50 -6.20
C ALA A 154 -9.57 13.60 -5.54
N GLN A 155 -8.99 14.29 -4.55
CA GLN A 155 -9.74 15.33 -3.86
C GLN A 155 -10.10 16.49 -4.80
N ASN A 156 -9.18 16.84 -5.70
CA ASN A 156 -9.48 17.92 -6.64
C ASN A 156 -10.60 17.50 -7.59
N ALA A 157 -10.62 16.23 -7.98
CA ALA A 157 -11.69 15.72 -8.83
C ALA A 157 -13.04 15.78 -8.11
N ILE A 158 -13.07 15.46 -6.80
CA ILE A 158 -14.32 15.56 -6.05
C ILE A 158 -14.84 16.99 -6.05
N LYS A 159 -13.98 17.94 -5.70
CA LYS A 159 -14.43 19.31 -5.58
C LYS A 159 -14.94 19.84 -6.92
N ALA A 160 -14.32 19.40 -8.01
CA ALA A 160 -14.64 19.94 -9.31
C ALA A 160 -15.77 19.20 -10.01
N MET A 161 -16.00 17.94 -9.66
CA MET A 161 -16.91 17.11 -10.44
C MET A 161 -18.13 16.65 -9.67
N HIS A 162 -18.11 16.62 -8.34
CA HIS A 162 -19.26 16.08 -7.61
C HIS A 162 -20.48 16.94 -7.90
N GLN A 163 -21.54 16.29 -8.40
CA GLN A 163 -22.80 16.94 -8.76
C GLN A 163 -22.60 18.10 -9.74
N SER A 164 -21.59 17.99 -10.60
CA SER A 164 -21.29 19.03 -11.58
C SER A 164 -22.17 18.96 -12.82
N GLN A 165 -22.89 17.87 -13.01
CA GLN A 165 -23.71 17.71 -14.20
C GLN A 165 -24.58 16.50 -13.95
N THR A 166 -25.63 16.38 -14.75
CA THR A 166 -26.46 15.18 -14.77
C THR A 166 -26.29 14.53 -16.13
N MET A 167 -25.95 13.26 -16.13
CA MET A 167 -25.72 12.55 -17.38
C MET A 167 -27.04 12.02 -17.93
N GLU A 168 -26.99 11.66 -19.22
CA GLU A 168 -28.15 11.15 -19.93
C GLU A 168 -28.77 9.98 -19.20
N GLY A 169 -30.09 10.05 -18.98
CA GLY A 169 -30.80 8.94 -18.37
C GLY A 169 -30.67 8.82 -16.87
N CYS A 170 -29.94 9.73 -16.21
CA CYS A 170 -29.72 9.65 -14.76
C CYS A 170 -30.68 10.54 -14.00
N SER A 171 -31.19 10.03 -12.87
CA SER A 171 -32.14 10.76 -12.06
C SER A 171 -31.51 11.87 -11.21
N SER A 172 -30.20 11.84 -11.03
CA SER A 172 -29.56 12.79 -10.13
C SER A 172 -28.21 13.16 -10.68
N PRO A 173 -27.64 14.28 -10.27
CA PRO A 173 -26.33 14.70 -10.78
C PRO A 173 -25.26 13.68 -10.41
N ILE A 174 -24.18 13.68 -11.18
CA ILE A 174 -23.10 12.72 -10.99
C ILE A 174 -22.58 12.80 -9.57
N VAL A 175 -22.34 11.65 -8.93
CA VAL A 175 -21.76 11.66 -7.59
C VAL A 175 -20.30 11.23 -7.68
N VAL A 176 -19.44 11.95 -6.96
CA VAL A 176 -18.00 11.73 -6.99
C VAL A 176 -17.54 11.79 -5.54
N LYS A 177 -17.10 10.66 -5.01
CA LYS A 177 -16.75 10.55 -3.60
C LYS A 177 -15.69 9.48 -3.44
N PHE A 178 -14.96 9.53 -2.32
CA PHE A 178 -14.03 8.44 -2.05
C PHE A 178 -14.79 7.13 -1.93
N ALA A 179 -14.21 6.07 -2.52
CA ALA A 179 -14.89 4.78 -2.57
C ALA A 179 -14.95 4.16 -1.19
N ASP A 180 -16.03 3.40 -0.95
CA ASP A 180 -16.34 2.79 0.35
C ASP A 180 -15.14 2.10 1.01
MG MG C . -30.54 -1.84 -8.83
#